data_4MNY
#
_entry.id   4MNY
#
_cell.length_a   67.959
_cell.length_b   54.457
_cell.length_c   71.681
_cell.angle_alpha   90.00
_cell.angle_beta   98.18
_cell.angle_gamma   90.00
#
_symmetry.space_group_name_H-M   'P 1 21 1'
#
loop_
_entity.id
_entity.type
_entity.pdbx_description
1 polymer 'Urokinase-type plasminogen activator chain B'
2 polymer 'bicyclic peptide UK903'
3 non-polymer 'SULFATE ION'
4 non-polymer 'ACETATE ION'
5 non-polymer GLYCEROL
6 non-polymer "N,N',N''-benzene-1,3,5-triyltris(2-bromoacetamide)"
7 water water
#
loop_
_entity_poly.entity_id
_entity_poly.type
_entity_poly.pdbx_seq_one_letter_code
_entity_poly.pdbx_strand_id
1 'polypeptide(L)'
;IIGGEFTTIENQPWFAAIYRRHRGGSVTYVCGGSLISPCWVISATHCFIDYPKKEDYIVYLGRSRLNSNTQGEMKFEVEN
LILHKDYSADTLAHHNDIALLKIRSKEGRCAQPSRTIQTIALPSMYNDPQFGTSCEITGFGKEQSTDYLYPEQLKMTVVK
LISHRECQQPHYYGSEVTTKMLCAADPQWKTDSCQGDSGGPLVCSLQGRMTLTGIVSWGRGCALKDKPGVYTRVSHFLPW
IRSHT
;
A,B
2 'polypeptide(L)' GCQVNYCPPVPCL(NH2) C,D
#
loop_
_chem_comp.id
_chem_comp.type
_chem_comp.name
_chem_comp.formula
29O non-polymer N,N',N''-benzene-1,3,5-triyltris(2-bromoacetamide) 'C12 H12 Br3 N3 O3'
ACT non-polymer 'ACETATE ION' 'C2 H3 O2 -1'
GOL non-polymer GLYCEROL 'C3 H8 O3'
NH2 non-polymer 'AMINO GROUP' 'H2 N'
SO4 non-polymer 'SULFATE ION' 'O4 S -2'
#
# COMPACT_ATOMS: atom_id res chain seq x y z
N ILE A 1 7.09 -3.29 11.49
CA ILE A 1 7.61 -4.28 10.50
C ILE A 1 8.94 -3.80 9.96
N ILE A 2 9.98 -4.62 10.09
CA ILE A 2 11.27 -4.34 9.48
C ILE A 2 11.23 -4.86 8.05
N GLY A 3 11.63 -4.01 7.10
CA GLY A 3 11.63 -4.38 5.70
C GLY A 3 10.20 -4.47 5.18
N GLY A 4 9.99 -5.33 4.21
CA GLY A 4 8.68 -5.43 3.56
C GLY A 4 8.28 -4.17 2.83
N GLU A 5 6.98 -3.92 2.77
CA GLU A 5 6.39 -2.83 1.98
C GLU A 5 5.33 -2.14 2.79
N PHE A 6 4.94 -0.95 2.36
CA PHE A 6 3.71 -0.37 2.82
C PHE A 6 2.55 -1.09 2.16
N THR A 7 1.43 -1.17 2.89
CA THR A 7 0.26 -1.84 2.39
C THR A 7 -0.95 -0.98 2.65
N THR A 8 -2.09 -1.45 2.16
CA THR A 8 -3.36 -0.79 2.40
C THR A 8 -4.31 -1.83 2.95
N ILE A 9 -5.38 -1.37 3.58
CA ILE A 9 -6.25 -2.25 4.36
C ILE A 9 -7.00 -3.23 3.45
N GLU A 10 -7.15 -2.89 2.17
CA GLU A 10 -7.70 -3.82 1.15
C GLU A 10 -6.95 -5.15 1.10
N ASN A 11 -5.64 -5.10 1.34
CA ASN A 11 -4.78 -6.29 1.34
C ASN A 11 -4.77 -7.06 2.66
N GLN A 12 -5.40 -6.50 3.69
CA GLN A 12 -5.45 -7.15 5.00
C GLN A 12 -6.71 -6.69 5.77
N PRO A 13 -7.92 -6.98 5.23
CA PRO A 13 -9.14 -6.35 5.70
C PRO A 13 -9.63 -6.80 7.09
N TRP A 14 -8.98 -7.82 7.66
CA TRP A 14 -9.23 -8.26 9.04
C TRP A 14 -8.37 -7.51 10.07
N PHE A 15 -7.45 -6.68 9.60
CA PHE A 15 -6.51 -6.03 10.53
C PHE A 15 -7.22 -4.95 11.35
N ALA A 16 -7.07 -5.06 12.66
CA ALA A 16 -7.67 -4.15 13.60
C ALA A 16 -6.55 -3.32 14.25
N ALA A 17 -6.71 -2.01 14.25
CA ALA A 17 -5.76 -1.08 14.87
C ALA A 17 -6.27 -0.68 16.25
N ILE A 18 -5.48 -0.94 17.30
CA ILE A 18 -5.95 -0.76 18.66
C ILE A 18 -5.17 0.38 19.29
N TYR A 19 -5.92 1.36 19.79
CA TYR A 19 -5.35 2.54 20.47
C TYR A 19 -5.85 2.64 21.91
N ARG A 20 -5.15 3.43 22.73
CA ARG A 20 -5.56 3.70 24.08
C ARG A 20 -5.65 5.20 24.37
N ARG A 21 -6.74 5.61 25.01
CA ARG A 21 -6.93 7.00 25.45
CA ARG A 21 -6.93 7.00 25.45
C ARG A 21 -6.41 7.17 26.87
N HIS A 22 -5.63 8.22 27.08
CA HIS A 22 -5.01 8.53 28.36
C HIS A 22 -5.88 9.49 29.17
N ARG A 23 -5.51 9.72 30.44
CA ARG A 23 -6.31 10.54 31.36
C ARG A 23 -6.71 11.88 30.75
N GLY A 24 -5.73 12.58 30.20
CA GLY A 24 -5.92 13.92 29.62
C GLY A 24 -6.55 13.95 28.24
N GLY A 25 -6.75 12.78 27.63
CA GLY A 25 -7.42 12.69 26.33
C GLY A 25 -6.53 12.33 25.14
N SER A 26 -5.22 12.39 25.32
CA SER A 26 -4.30 11.98 24.24
C SER A 26 -4.47 10.47 23.97
N VAL A 27 -4.34 10.11 22.70
CA VAL A 27 -4.58 8.73 22.26
C VAL A 27 -3.31 8.20 21.60
N THR A 28 -2.84 7.05 22.07
CA THR A 28 -1.62 6.45 21.53
C THR A 28 -1.91 5.08 20.95
N TYR A 29 -1.07 4.64 20.02
CA TYR A 29 -1.22 3.32 19.43
C TYR A 29 -0.74 2.25 20.40
N VAL A 30 -1.46 1.14 20.48
CA VAL A 30 -1.11 0.04 21.37
C VAL A 30 -0.56 -1.14 20.59
N CYS A 31 -1.41 -1.76 19.79
CA CYS A 31 -1.09 -3.05 19.19
C CYS A 31 -2.04 -3.32 18.03
N GLY A 32 -1.68 -4.30 17.22
CA GLY A 32 -2.56 -4.86 16.19
C GLY A 32 -3.48 -5.94 16.75
N GLY A 33 -4.39 -6.38 15.90
CA GLY A 33 -5.33 -7.45 16.20
C GLY A 33 -5.94 -7.88 14.89
N SER A 34 -6.82 -8.89 14.98
CA SER A 34 -7.47 -9.51 13.83
C SER A 34 -8.96 -9.74 14.09
N LEU A 35 -9.78 -9.34 13.13
CA LEU A 35 -11.22 -9.57 13.24
C LEU A 35 -11.54 -11.03 12.91
N ILE A 36 -12.06 -11.78 13.89
CA ILE A 36 -12.37 -13.21 13.70
C ILE A 36 -13.87 -13.48 13.59
N SER A 37 -14.68 -12.53 14.04
CA SER A 37 -16.12 -12.54 13.77
C SER A 37 -16.58 -11.09 13.90
N PRO A 38 -17.84 -10.79 13.55
CA PRO A 38 -18.17 -9.36 13.54
C PRO A 38 -18.03 -8.63 14.87
N CYS A 39 -18.18 -9.35 16.00
CA CYS A 39 -18.13 -8.74 17.32
C CYS A 39 -16.82 -8.96 18.07
N TRP A 40 -15.87 -9.69 17.47
CA TRP A 40 -14.66 -10.13 18.19
C TRP A 40 -13.33 -9.92 17.45
N VAL A 41 -12.40 -9.26 18.13
CA VAL A 41 -11.04 -9.08 17.66
C VAL A 41 -10.13 -9.88 18.58
N ILE A 42 -9.14 -10.54 17.98
CA ILE A 42 -8.18 -11.34 18.71
C ILE A 42 -6.82 -10.65 18.63
N SER A 43 -6.13 -10.63 19.75
CA SER A 43 -4.88 -9.89 19.89
C SER A 43 -4.00 -10.61 20.91
N ALA A 44 -3.02 -9.92 21.48
CA ALA A 44 -2.09 -10.51 22.44
C ALA A 44 -2.28 -9.89 23.84
N THR A 45 -2.28 -10.73 24.87
CA THR A 45 -2.51 -10.27 26.24
C THR A 45 -1.44 -9.28 26.72
N HIS A 46 -0.18 -9.44 26.32
CA HIS A 46 0.88 -8.54 26.83
C HIS A 46 0.64 -7.07 26.42
N CYS A 47 -0.10 -6.86 25.33
CA CYS A 47 -0.51 -5.53 24.91
C CYS A 47 -1.36 -4.75 25.93
N PHE A 48 -2.08 -5.46 26.81
CA PHE A 48 -3.10 -4.85 27.67
C PHE A 48 -2.94 -5.11 29.16
N ILE A 49 -2.02 -6.00 29.50
CA ILE A 49 -1.88 -6.49 30.88
C ILE A 49 -1.51 -5.39 31.89
N ASP A 50 -0.82 -4.34 31.44
CA ASP A 50 -0.52 -3.23 32.36
C ASP A 50 -1.65 -2.20 32.47
N TYR A 51 -2.57 -2.22 31.51
CA TYR A 51 -3.68 -1.27 31.47
C TYR A 51 -4.96 -1.96 30.99
N PRO A 52 -5.50 -2.89 31.80
CA PRO A 52 -6.61 -3.74 31.36
C PRO A 52 -8.01 -3.11 31.43
N LYS A 53 -8.09 -1.80 31.67
CA LYS A 53 -9.37 -1.09 31.69
C LYS A 53 -9.94 -0.94 30.28
N LYS A 54 -11.05 -1.63 30.00
CA LYS A 54 -11.58 -1.71 28.65
C LYS A 54 -12.03 -0.36 28.08
N GLU A 55 -12.54 0.52 28.94
CA GLU A 55 -13.12 1.80 28.51
C GLU A 55 -12.13 2.74 27.82
N ASP A 56 -10.85 2.61 28.16
CA ASP A 56 -9.77 3.41 27.56
C ASP A 56 -9.41 3.02 26.11
N TYR A 57 -9.88 1.87 25.62
CA TYR A 57 -9.41 1.39 24.32
C TYR A 57 -10.30 1.84 23.17
N ILE A 58 -9.66 2.03 22.01
CA ILE A 58 -10.34 2.36 20.77
C ILE A 58 -9.86 1.38 19.72
N VAL A 59 -10.80 0.73 19.03
CA VAL A 59 -10.48 -0.22 17.97
C VAL A 59 -10.98 0.35 16.65
N TYR A 60 -10.10 0.38 15.67
CA TYR A 60 -10.47 0.70 14.31
C TYR A 60 -10.38 -0.51 13.41
N LEU A 61 -11.35 -0.63 12.51
CA LEU A 61 -11.27 -1.56 11.39
C LEU A 61 -11.31 -0.73 10.12
N GLY A 62 -10.78 -1.28 9.02
CA GLY A 62 -10.75 -0.57 7.75
C GLY A 62 -9.79 0.62 7.68
N ARG A 63 -8.77 0.59 8.53
CA ARG A 63 -7.84 1.71 8.68
C ARG A 63 -6.46 1.33 8.16
N SER A 64 -5.96 2.12 7.20
CA SER A 64 -4.67 1.90 6.54
C SER A 64 -3.56 2.81 7.10
N ARG A 65 -3.93 3.89 7.78
CA ARG A 65 -2.96 4.86 8.31
C ARG A 65 -3.08 5.09 9.83
N LEU A 66 -1.97 5.47 10.45
CA LEU A 66 -1.90 5.57 11.90
C LEU A 66 -2.60 6.80 12.47
N ASN A 67 -2.45 7.93 11.81
CA ASN A 67 -2.98 9.21 12.30
C ASN A 67 -3.76 10.00 11.25
N SER A 68 -4.05 9.37 10.12
CA SER A 68 -4.97 9.95 9.15
C SER A 68 -6.04 8.92 8.89
N ASN A 69 -7.15 9.38 8.33
CA ASN A 69 -8.33 8.53 8.12
C ASN A 69 -8.28 7.79 6.78
N THR A 70 -9.03 6.70 6.74
CA THR A 70 -9.22 5.90 5.55
C THR A 70 -10.72 5.84 5.33
N GLN A 71 -11.17 6.18 4.13
CA GLN A 71 -12.59 6.10 3.82
C GLN A 71 -13.08 4.67 4.05
N GLY A 72 -14.20 4.54 4.77
CA GLY A 72 -14.78 3.23 5.06
C GLY A 72 -14.33 2.64 6.40
N GLU A 73 -13.41 3.32 7.09
CA GLU A 73 -12.99 2.87 8.41
C GLU A 73 -14.14 3.01 9.40
N MET A 74 -14.09 2.21 10.45
CA MET A 74 -15.15 2.15 11.45
C MET A 74 -14.50 1.99 12.81
N LYS A 75 -15.08 2.69 13.79
CA LYS A 75 -14.47 2.88 15.10
C LYS A 75 -15.33 2.18 16.13
N PHE A 76 -14.67 1.58 17.12
CA PHE A 76 -15.35 0.77 18.12
C PHE A 76 -14.85 0.98 19.52
N GLU A 77 -15.79 0.92 20.45
CA GLU A 77 -15.50 0.71 21.85
C GLU A 77 -15.27 -0.77 22.13
N VAL A 78 -14.61 -1.04 23.25
CA VAL A 78 -14.39 -2.41 23.72
C VAL A 78 -15.36 -2.72 24.87
N GLU A 79 -16.32 -3.58 24.57
CA GLU A 79 -17.39 -3.99 25.49
C GLU A 79 -16.88 -5.02 26.51
N ASN A 80 -15.95 -5.87 26.08
CA ASN A 80 -15.35 -6.89 26.93
C ASN A 80 -13.90 -7.09 26.51
N LEU A 81 -12.98 -6.99 27.47
CA LEU A 81 -11.57 -7.29 27.22
C LEU A 81 -11.20 -8.53 28.02
N ILE A 82 -10.88 -9.60 27.30
CA ILE A 82 -10.60 -10.90 27.89
C ILE A 82 -9.13 -11.25 27.71
N LEU A 83 -8.40 -11.27 28.83
CA LEU A 83 -7.01 -11.70 28.85
C LEU A 83 -6.92 -13.14 29.33
N HIS A 84 -5.92 -13.86 28.82
CA HIS A 84 -5.72 -15.25 29.21
C HIS A 84 -5.27 -15.33 30.66
N LYS A 85 -6.00 -16.11 31.46
CA LYS A 85 -5.74 -16.25 32.91
C LYS A 85 -4.35 -16.77 33.23
N ASP A 86 -3.84 -17.66 32.38
CA ASP A 86 -2.52 -18.23 32.56
C ASP A 86 -1.44 -17.54 31.72
N TYR A 87 -1.63 -16.26 31.43
CA TYR A 87 -0.59 -15.48 30.79
C TYR A 87 0.59 -15.43 31.75
N SER A 88 1.79 -15.59 31.20
CA SER A 88 3.00 -15.35 31.98
C SER A 88 4.13 -14.92 31.07
N ALA A 89 5.14 -14.33 31.69
CA ALA A 89 6.32 -13.86 30.96
C ALA A 89 7.53 -13.94 31.86
N ASP A 90 8.69 -14.21 31.26
CA ASP A 90 9.97 -13.88 31.90
C ASP A 90 10.49 -12.59 31.23
N THR A 91 11.79 -12.37 31.21
CA THR A 91 12.32 -11.13 30.63
C THR A 91 12.32 -11.15 29.10
N LEU A 92 11.91 -12.27 28.50
CA LEU A 92 11.96 -12.47 27.06
C LEU A 92 10.67 -13.04 26.47
N ALA A 93 10.26 -14.22 26.95
CA ALA A 93 9.14 -14.96 26.36
C ALA A 93 7.83 -14.62 27.03
N HIS A 94 6.77 -14.63 26.22
CA HIS A 94 5.41 -14.46 26.69
C HIS A 94 4.73 -15.80 26.47
N HIS A 95 4.02 -16.28 27.48
CA HIS A 95 3.28 -17.55 27.40
C HIS A 95 1.78 -17.27 27.44
N ASN A 96 1.00 -18.06 26.70
CA ASN A 96 -0.44 -17.86 26.63
C ASN A 96 -0.80 -16.40 26.26
N ASP A 97 -0.10 -15.90 25.26
CA ASP A 97 -0.16 -14.49 24.89
C ASP A 97 -1.24 -14.31 23.82
N ILE A 98 -2.47 -14.20 24.30
CA ILE A 98 -3.65 -14.21 23.46
C ILE A 98 -4.74 -13.48 24.21
N ALA A 99 -5.51 -12.67 23.50
CA ALA A 99 -6.53 -11.84 24.13
C ALA A 99 -7.69 -11.64 23.17
N LEU A 100 -8.88 -11.46 23.74
CA LEU A 100 -10.07 -11.18 22.96
C LEU A 100 -10.67 -9.85 23.39
N LEU A 101 -11.09 -9.08 22.39
CA LEU A 101 -11.78 -7.82 22.56
C LEU A 101 -13.15 -7.91 21.87
N LYS A 102 -14.22 -7.78 22.65
CA LYS A 102 -15.56 -7.72 22.06
C LYS A 102 -15.78 -6.26 21.73
N ILE A 103 -16.07 -5.98 20.46
CA ILE A 103 -16.18 -4.62 19.95
C ILE A 103 -17.63 -4.20 19.75
N ARG A 104 -17.87 -2.90 19.96
CA ARG A 104 -19.20 -2.34 19.93
C ARG A 104 -19.14 -0.91 19.40
N SER A 105 -19.92 -0.61 18.37
CA SER A 105 -19.97 0.74 17.80
C SER A 105 -20.70 1.67 18.76
N LYS A 106 -20.50 2.97 18.55
CA LYS A 106 -21.28 4.01 19.26
C LYS A 106 -22.77 3.69 19.21
N GLU A 107 -23.21 3.14 18.08
CA GLU A 107 -24.61 2.80 17.81
C GLU A 107 -25.04 1.41 18.32
N GLY A 108 -24.14 0.71 19.00
CA GLY A 108 -24.47 -0.55 19.65
C GLY A 108 -24.32 -1.77 18.76
N ARG A 109 -23.65 -1.61 17.63
CA ARG A 109 -23.53 -2.68 16.65
C ARG A 109 -22.11 -3.23 16.54
N CYS A 110 -22.05 -4.45 16.00
CA CYS A 110 -20.80 -5.11 15.68
C CYS A 110 -20.35 -4.63 14.30
N ALA A 111 -19.26 -5.18 13.78
CA ALA A 111 -18.74 -4.74 12.49
C ALA A 111 -19.67 -5.13 11.35
N GLN A 112 -19.74 -4.26 10.35
CA GLN A 112 -20.43 -4.55 9.11
C GLN A 112 -19.35 -4.86 8.07
N PRO A 113 -19.28 -6.12 7.60
CA PRO A 113 -18.29 -6.41 6.57
C PRO A 113 -18.43 -5.57 5.31
N SER A 114 -17.29 -5.28 4.69
CA SER A 114 -17.20 -4.46 3.50
C SER A 114 -15.98 -4.90 2.72
N ARG A 115 -15.65 -4.21 1.63
CA ARG A 115 -14.42 -4.47 0.90
C ARG A 115 -13.18 -4.38 1.81
N THR A 116 -13.21 -3.45 2.76
CA THR A 116 -12.06 -3.14 3.61
C THR A 116 -12.17 -3.67 5.05
N ILE A 117 -13.29 -4.31 5.36
CA ILE A 117 -13.54 -4.90 6.69
C ILE A 117 -14.08 -6.31 6.51
N GLN A 118 -13.26 -7.30 6.84
CA GLN A 118 -13.60 -8.70 6.65
C GLN A 118 -13.00 -9.54 7.76
N THR A 119 -13.68 -10.62 8.12
CA THR A 119 -13.16 -11.56 9.09
C THR A 119 -12.11 -12.44 8.43
N ILE A 120 -11.22 -13.00 9.24
CA ILE A 120 -10.22 -13.96 8.78
C ILE A 120 -10.56 -15.31 9.42
N ALA A 121 -10.43 -16.38 8.64
CA ALA A 121 -10.76 -17.72 9.14
C ALA A 121 -9.78 -18.21 10.21
N LEU A 122 -10.33 -18.87 11.24
CA LEU A 122 -9.52 -19.48 12.27
C LEU A 122 -8.93 -20.78 11.74
N PRO A 123 -7.77 -21.18 12.27
CA PRO A 123 -7.12 -22.39 11.83
C PRO A 123 -7.76 -23.61 12.46
N SER A 124 -7.28 -24.78 12.07
CA SER A 124 -7.69 -26.04 12.66
C SER A 124 -6.45 -26.78 13.16
N MET A 125 -6.61 -27.44 14.30
CA MET A 125 -5.49 -28.17 14.90
C MET A 125 -5.12 -29.42 14.08
N TYR A 126 -5.93 -29.75 13.06
CA TYR A 126 -5.65 -30.86 12.15
C TYR A 126 -4.98 -30.41 10.86
N ASN A 127 -4.86 -29.11 10.66
CA ASN A 127 -4.47 -28.56 9.37
C ASN A 127 -3.33 -27.56 9.54
N ASP A 128 -2.23 -28.03 10.13
CA ASP A 128 -1.06 -27.18 10.34
C ASP A 128 -0.34 -26.96 9.00
N PRO A 129 0.12 -25.72 8.76
CA PRO A 129 1.04 -25.52 7.63
C PRO A 129 2.40 -26.07 8.01
N GLN A 130 3.11 -26.66 7.05
CA GLN A 130 4.42 -27.28 7.34
C GLN A 130 5.52 -26.23 7.47
N PHE A 131 6.60 -26.57 8.17
CA PHE A 131 7.73 -25.65 8.29
C PHE A 131 8.26 -25.32 6.90
N GLY A 132 8.77 -24.10 6.74
CA GLY A 132 9.25 -23.62 5.44
C GLY A 132 8.20 -22.89 4.62
N THR A 133 6.93 -22.97 5.04
CA THR A 133 5.84 -22.24 4.41
C THR A 133 6.05 -20.74 4.56
N SER A 134 5.67 -19.97 3.55
CA SER A 134 5.75 -18.51 3.63
C SER A 134 4.41 -17.95 4.10
N CYS A 135 4.47 -17.06 5.10
CA CYS A 135 3.27 -16.43 5.64
C CYS A 135 3.44 -14.92 5.69
N GLU A 136 2.33 -14.19 5.76
CA GLU A 136 2.35 -12.73 5.78
C GLU A 136 2.17 -12.23 7.21
N ILE A 137 2.93 -11.18 7.56
CA ILE A 137 2.73 -10.44 8.82
C ILE A 137 2.45 -8.98 8.50
N THR A 138 1.57 -8.37 9.28
CA THR A 138 1.13 -6.99 9.03
C THR A 138 1.10 -6.17 10.31
N GLY A 139 1.41 -4.89 10.21
CA GLY A 139 1.29 -4.02 11.37
C GLY A 139 1.88 -2.62 11.23
N PHE A 140 1.64 -1.83 12.26
CA PHE A 140 2.10 -0.45 12.33
C PHE A 140 3.37 -0.34 13.16
N GLY A 141 4.03 -1.46 13.43
CA GLY A 141 5.21 -1.45 14.30
C GLY A 141 6.41 -0.73 13.71
N LYS A 142 7.43 -0.54 14.54
CA LYS A 142 8.63 0.18 14.15
C LYS A 142 9.29 -0.42 12.91
N GLU A 143 9.83 0.44 12.04
CA GLU A 143 10.55 0.02 10.83
C GLU A 143 12.00 -0.31 11.12
N GLN A 144 12.47 0.18 12.27
CA GLN A 144 13.78 -0.14 12.85
C GLN A 144 13.67 -0.15 14.38
N SER A 145 14.44 -1.00 15.05
CA SER A 145 14.44 -1.06 16.51
C SER A 145 14.84 0.29 17.11
N THR A 146 15.65 1.05 16.35
CA THR A 146 16.14 2.36 16.77
C THR A 146 15.22 3.55 16.45
N ASP A 147 14.10 3.29 15.79
CA ASP A 147 13.12 4.33 15.48
C ASP A 147 12.29 4.65 16.72
N TYR A 148 12.22 5.94 17.07
CA TYR A 148 11.35 6.35 18.16
C TYR A 148 9.87 6.31 17.76
N LEU A 149 9.58 6.66 16.51
CA LEU A 149 8.21 6.80 16.05
C LEU A 149 7.80 5.57 15.26
N TYR A 150 6.51 5.27 15.28
CA TYR A 150 5.91 4.30 14.36
C TYR A 150 5.73 4.89 12.95
N PRO A 151 5.69 4.03 11.90
CA PRO A 151 5.33 4.51 10.57
C PRO A 151 3.90 5.04 10.50
N GLU A 152 3.66 5.93 9.53
CA GLU A 152 2.37 6.58 9.36
C GLU A 152 1.40 5.69 8.61
N GLN A 153 1.90 4.60 8.06
CA GLN A 153 1.11 3.71 7.24
C GLN A 153 1.41 2.24 7.54
N LEU A 154 0.37 1.41 7.43
CA LEU A 154 0.44 -0.05 7.61
C LEU A 154 1.53 -0.66 6.70
N LYS A 155 2.22 -1.67 7.22
CA LYS A 155 3.23 -2.39 6.46
C LYS A 155 2.90 -3.86 6.48
N MET A 156 3.46 -4.58 5.52
CA MET A 156 3.38 -6.02 5.52
C MET A 156 4.68 -6.60 5.00
N THR A 157 4.99 -7.82 5.43
CA THR A 157 6.12 -8.55 4.86
C THR A 157 5.81 -10.03 4.91
N VAL A 158 6.74 -10.82 4.36
CA VAL A 158 6.64 -12.26 4.28
C VAL A 158 7.78 -12.88 5.10
N VAL A 159 7.44 -13.89 5.89
CA VAL A 159 8.43 -14.65 6.67
C VAL A 159 8.12 -16.12 6.51
N LYS A 160 9.10 -16.97 6.80
CA LYS A 160 8.93 -18.42 6.66
C LYS A 160 8.87 -19.10 8.01
N LEU A 161 7.95 -20.05 8.14
CA LEU A 161 7.77 -20.83 9.36
C LEU A 161 9.01 -21.69 9.61
N ILE A 162 9.43 -21.71 10.87
CA ILE A 162 10.57 -22.48 11.35
C ILE A 162 10.07 -23.57 12.30
N SER A 163 10.59 -24.78 12.15
CA SER A 163 10.17 -25.91 12.98
C SER A 163 10.46 -25.68 14.46
N HIS A 164 9.62 -26.28 15.31
CA HIS A 164 9.83 -26.25 16.75
C HIS A 164 11.18 -26.85 17.09
N ARG A 165 11.53 -27.98 16.47
CA ARG A 165 12.81 -28.62 16.74
C ARG A 165 13.96 -27.63 16.55
N GLU A 166 13.94 -26.90 15.43
CA GLU A 166 14.98 -25.93 15.13
C GLU A 166 14.94 -24.75 16.09
N CYS A 167 13.75 -24.25 16.39
CA CYS A 167 13.63 -23.06 17.25
C CYS A 167 14.05 -23.33 18.69
N GLN A 168 13.97 -24.59 19.12
CA GLN A 168 14.36 -25.00 20.47
C GLN A 168 15.83 -25.29 20.65
N GLN A 169 16.63 -25.22 19.60
CA GLN A 169 18.07 -25.38 19.74
C GLN A 169 18.60 -24.25 20.63
N PRO A 170 19.66 -24.53 21.42
CA PRO A 170 20.27 -23.49 22.26
C PRO A 170 20.60 -22.18 21.54
N HIS A 171 21.07 -22.25 20.30
CA HIS A 171 21.45 -21.04 19.56
C HIS A 171 20.28 -20.30 18.92
N TYR A 172 19.08 -20.89 18.96
CA TYR A 172 17.86 -20.15 18.68
C TYR A 172 17.23 -19.69 20.01
N TYR A 173 16.15 -20.35 20.47
CA TYR A 173 15.48 -19.95 21.72
C TYR A 173 15.42 -21.01 22.82
N GLY A 174 16.05 -22.17 22.60
CA GLY A 174 16.09 -23.20 23.62
C GLY A 174 14.73 -23.49 24.23
N SER A 175 14.67 -23.46 25.55
CA SER A 175 13.48 -23.80 26.32
C SER A 175 12.42 -22.68 26.40
N GLU A 176 12.73 -21.51 25.85
CA GLU A 176 11.79 -20.38 25.85
C GLU A 176 10.60 -20.56 24.91
N VAL A 177 10.77 -21.36 23.84
CA VAL A 177 9.66 -21.69 22.93
C VAL A 177 8.98 -23.01 23.25
N THR A 178 7.67 -23.02 23.13
CA THR A 178 6.87 -24.20 23.40
C THR A 178 6.04 -24.57 22.18
N THR A 179 5.36 -25.70 22.27
CA THR A 179 4.49 -26.16 21.18
C THR A 179 3.26 -25.29 20.98
N LYS A 180 2.98 -24.40 21.94
CA LYS A 180 1.92 -23.39 21.78
C LYS A 180 2.39 -22.09 21.12
N MET A 181 3.65 -22.07 20.68
CA MET A 181 4.22 -20.97 19.92
C MET A 181 4.75 -21.43 18.56
N LEU A 182 4.78 -20.50 17.62
CA LEU A 182 5.34 -20.70 16.29
C LEU A 182 6.45 -19.69 16.08
N CYS A 183 7.56 -20.16 15.55
CA CYS A 183 8.66 -19.30 15.13
C CYS A 183 8.56 -19.02 13.63
N ALA A 184 8.91 -17.81 13.23
CA ALA A 184 8.99 -17.50 11.79
C ALA A 184 10.00 -16.40 11.57
N ALA A 185 10.70 -16.48 10.45
CA ALA A 185 11.72 -15.49 10.16
C ALA A 185 12.06 -15.47 8.68
N ASP A 186 12.79 -14.44 8.31
CA ASP A 186 13.38 -14.32 7.01
C ASP A 186 14.64 -15.20 6.99
N PRO A 187 14.81 -16.06 5.98
CA PRO A 187 16.06 -16.83 5.87
C PRO A 187 17.34 -16.00 6.03
N GLN A 188 17.33 -14.76 5.52
CA GLN A 188 18.47 -13.83 5.63
C GLN A 188 18.38 -12.86 6.80
N TRP A 189 17.31 -12.98 7.58
CA TRP A 189 17.17 -12.23 8.82
C TRP A 189 17.11 -10.72 8.60
N LYS A 190 16.50 -10.29 7.50
CA LYS A 190 16.41 -8.86 7.16
C LYS A 190 15.00 -8.26 7.24
N THR A 191 13.98 -9.12 7.41
CA THR A 191 12.59 -8.65 7.54
C THR A 191 11.95 -9.42 8.70
N ASP A 192 11.07 -8.76 9.46
CA ASP A 192 10.57 -9.32 10.72
C ASP A 192 9.47 -8.45 11.27
N SER A 193 8.80 -8.94 12.30
CA SER A 193 8.00 -8.11 13.17
C SER A 193 8.92 -7.27 14.03
N CYS A 194 8.35 -6.23 14.63
CA CYS A 194 9.05 -5.44 15.62
C CYS A 194 8.07 -4.86 16.64
N GLN A 195 8.61 -4.13 17.60
CA GLN A 195 7.83 -3.42 18.61
C GLN A 195 6.74 -2.61 17.93
N GLY A 196 5.49 -2.82 18.38
CA GLY A 196 4.31 -2.20 17.80
C GLY A 196 3.49 -3.15 16.94
N ASP A 197 4.12 -4.22 16.46
CA ASP A 197 3.43 -5.25 15.66
C ASP A 197 2.71 -6.31 16.48
N SER A 198 2.95 -6.34 17.80
CA SER A 198 2.33 -7.33 18.69
C SER A 198 0.81 -7.35 18.52
N GLY A 199 0.25 -8.55 18.63
CA GLY A 199 -1.18 -8.72 18.56
C GLY A 199 -1.66 -8.89 17.13
N GLY A 200 -0.82 -8.51 16.17
CA GLY A 200 -1.16 -8.59 14.77
C GLY A 200 -1.14 -10.00 14.20
N PRO A 201 -1.63 -10.15 12.97
CA PRO A 201 -1.78 -11.47 12.37
C PRO A 201 -0.56 -12.01 11.61
N LEU A 202 -0.30 -13.30 11.82
CA LEU A 202 0.54 -14.09 10.96
C LEU A 202 -0.43 -14.95 10.15
N VAL A 203 -0.49 -14.71 8.85
CA VAL A 203 -1.50 -15.32 7.97
C VAL A 203 -0.82 -16.24 6.97
N CYS A 204 -1.29 -17.50 6.93
CA CYS A 204 -0.82 -18.44 5.92
C CYS A 204 -1.98 -18.87 5.04
N SER A 205 -1.64 -19.24 3.80
CA SER A 205 -2.60 -19.71 2.84
C SER A 205 -2.69 -21.23 2.91
N LEU A 206 -3.85 -21.74 3.33
CA LEU A 206 -4.06 -23.18 3.39
C LEU A 206 -5.22 -23.56 2.48
N GLN A 207 -4.96 -24.47 1.55
CA GLN A 207 -5.90 -24.84 0.49
C GLN A 207 -6.48 -23.58 -0.19
N GLY A 208 -5.62 -22.60 -0.41
CA GLY A 208 -6.05 -21.35 -1.07
C GLY A 208 -6.74 -20.33 -0.17
N ARG A 209 -6.93 -20.65 1.11
CA ARG A 209 -7.64 -19.78 2.04
C ARG A 209 -6.70 -19.04 3.01
N MET A 210 -6.88 -17.74 3.13
CA MET A 210 -6.18 -16.96 4.15
C MET A 210 -6.65 -17.40 5.54
N THR A 211 -5.71 -17.82 6.38
CA THR A 211 -6.03 -18.41 7.68
C THR A 211 -5.15 -17.78 8.77
N LEU A 212 -5.74 -17.42 9.91
CA LEU A 212 -5.00 -16.84 11.05
C LEU A 212 -4.20 -17.90 11.80
N THR A 213 -2.92 -18.00 11.47
CA THR A 213 -2.07 -19.06 12.00
C THR A 213 -1.37 -18.63 13.28
N GLY A 214 -1.03 -17.36 13.38
CA GLY A 214 -0.29 -16.85 14.53
C GLY A 214 -0.70 -15.46 14.93
N ILE A 215 -0.33 -15.08 16.15
CA ILE A 215 -0.52 -13.74 16.67
C ILE A 215 0.86 -13.28 17.11
N VAL A 216 1.28 -12.11 16.63
CA VAL A 216 2.63 -11.59 16.92
C VAL A 216 2.80 -11.48 18.45
N SER A 217 3.83 -12.12 19.02
CA SER A 217 3.96 -12.21 20.49
C SER A 217 5.27 -11.66 21.09
N TRP A 218 6.41 -12.19 20.66
CA TRP A 218 7.70 -11.74 21.18
C TRP A 218 8.87 -12.13 20.30
N GLY A 219 10.01 -11.50 20.58
CA GLY A 219 11.26 -11.86 19.97
C GLY A 219 12.37 -11.24 20.78
N ARG A 220 13.58 -11.74 20.60
CA ARG A 220 14.74 -11.11 21.24
C ARG A 220 15.03 -9.74 20.63
N GLY A 221 14.72 -9.58 19.35
CA GLY A 221 14.98 -8.35 18.63
C GLY A 221 14.08 -8.23 17.42
N CYS A 222 14.53 -7.49 16.42
CA CYS A 222 13.80 -7.31 15.18
C CYS A 222 14.78 -7.56 14.04
N ALA A 223 14.53 -8.60 13.25
CA ALA A 223 15.43 -8.98 12.14
C ALA A 223 16.83 -9.22 12.68
N LEU A 224 16.93 -10.27 13.49
CA LEU A 224 18.10 -10.56 14.31
C LEU A 224 18.50 -12.02 14.06
N LYS A 225 19.73 -12.22 13.60
CA LYS A 225 20.26 -13.54 13.29
C LYS A 225 20.03 -14.56 14.41
N ASP A 226 19.47 -15.71 14.01
CA ASP A 226 19.21 -16.85 14.90
C ASP A 226 18.23 -16.54 16.03
N LYS A 227 17.43 -15.50 15.84
CA LYS A 227 16.41 -15.09 16.80
C LYS A 227 15.13 -14.76 16.03
N PRO A 228 14.35 -15.79 15.69
CA PRO A 228 13.09 -15.59 14.96
C PRO A 228 12.06 -14.73 15.70
N GLY A 229 11.08 -14.24 14.94
CA GLY A 229 9.84 -13.77 15.53
C GLY A 229 9.09 -14.96 16.10
N VAL A 230 8.42 -14.73 17.22
CA VAL A 230 7.66 -15.78 17.91
C VAL A 230 6.20 -15.34 18.00
N TYR A 231 5.34 -16.28 17.65
CA TYR A 231 3.92 -16.05 17.47
C TYR A 231 3.13 -17.04 18.32
N THR A 232 2.04 -16.57 18.89
CA THR A 232 1.11 -17.46 19.57
C THR A 232 0.49 -18.36 18.50
N ARG A 233 0.55 -19.68 18.74
CA ARG A 233 0.02 -20.66 17.77
C ARG A 233 -1.51 -20.80 17.97
N VAL A 234 -2.27 -20.13 17.11
CA VAL A 234 -3.72 -19.99 17.31
C VAL A 234 -4.46 -21.34 17.36
N SER A 235 -3.98 -22.31 16.59
CA SER A 235 -4.66 -23.61 16.50
C SER A 235 -4.58 -24.39 17.81
N HIS A 236 -3.70 -23.96 18.73
CA HIS A 236 -3.61 -24.60 20.03
C HIS A 236 -4.40 -23.87 21.12
N PHE A 237 -5.22 -22.89 20.71
CA PHE A 237 -6.09 -22.16 21.64
C PHE A 237 -7.56 -22.14 21.21
N LEU A 238 -7.96 -23.07 20.34
CA LEU A 238 -9.32 -23.04 19.83
C LEU A 238 -10.37 -23.22 20.93
N PRO A 239 -10.13 -24.13 21.88
CA PRO A 239 -11.12 -24.25 22.96
C PRO A 239 -11.26 -22.98 23.78
N TRP A 240 -10.14 -22.34 24.10
CA TRP A 240 -10.13 -21.08 24.82
C TRP A 240 -10.92 -20.02 24.08
N ILE A 241 -10.65 -19.90 22.78
CA ILE A 241 -11.32 -18.95 21.91
C ILE A 241 -12.83 -19.20 21.88
N ARG A 242 -13.23 -20.45 21.62
CA ARG A 242 -14.65 -20.78 21.55
C ARG A 242 -15.37 -20.58 22.89
N SER A 243 -14.69 -20.87 24.00
CA SER A 243 -15.29 -20.69 25.32
C SER A 243 -15.62 -19.22 25.58
N HIS A 244 -14.76 -18.33 25.11
CA HIS A 244 -14.88 -16.91 25.45
C HIS A 244 -15.67 -16.07 24.43
N THR A 245 -15.81 -16.55 23.20
CA THR A 245 -16.48 -15.77 22.15
C THR A 245 -17.99 -16.03 22.12
N ILE B 1 4.38 11.73 -6.70
CA ILE B 1 3.12 12.15 -6.02
C ILE B 1 3.47 12.91 -4.75
N ILE B 2 3.01 14.16 -4.68
CA ILE B 2 3.11 14.98 -3.48
C ILE B 2 1.96 14.59 -2.56
N GLY B 3 2.27 14.34 -1.29
CA GLY B 3 1.25 13.92 -0.33
C GLY B 3 0.65 12.57 -0.67
N GLY B 4 -0.62 12.37 -0.34
CA GLY B 4 -1.25 11.07 -0.53
C GLY B 4 -0.65 10.00 0.35
N GLU B 5 -0.63 8.77 -0.14
CA GLU B 5 -0.12 7.64 0.63
C GLU B 5 0.57 6.67 -0.29
N PHE B 6 1.27 5.72 0.32
CA PHE B 6 1.83 4.62 -0.44
C PHE B 6 0.70 3.69 -0.83
N THR B 7 0.86 3.03 -1.96
CA THR B 7 -0.16 2.13 -2.43
C THR B 7 0.41 0.83 -2.97
N THR B 8 -0.49 -0.08 -3.31
CA THR B 8 -0.12 -1.40 -3.76
C THR B 8 -0.77 -1.62 -5.11
N ILE B 9 -0.21 -2.55 -5.86
CA ILE B 9 -0.67 -2.75 -7.22
C ILE B 9 -2.11 -3.30 -7.22
N GLU B 10 -2.53 -3.92 -6.11
CA GLU B 10 -3.91 -4.35 -5.96
C GLU B 10 -4.92 -3.18 -6.04
N ASN B 11 -4.52 -2.02 -5.54
CA ASN B 11 -5.33 -0.80 -5.60
C ASN B 11 -5.30 -0.10 -6.95
N GLN B 12 -4.37 -0.50 -7.82
CA GLN B 12 -4.20 0.11 -9.12
C GLN B 12 -3.65 -0.92 -10.13
N PRO B 13 -4.42 -1.98 -10.42
CA PRO B 13 -3.88 -3.14 -11.16
C PRO B 13 -3.59 -2.90 -12.65
N TRP B 14 -4.02 -1.74 -13.15
CA TRP B 14 -3.75 -1.32 -14.52
C TRP B 14 -2.44 -0.53 -14.62
N PHE B 15 -1.80 -0.23 -13.50
CA PHE B 15 -0.64 0.63 -13.57
C PHE B 15 0.54 -0.06 -14.25
N ALA B 16 1.11 0.63 -15.24
CA ALA B 16 2.31 0.21 -15.95
C ALA B 16 3.51 1.08 -15.55
N ALA B 17 4.59 0.42 -15.12
CA ALA B 17 5.85 1.09 -14.79
C ALA B 17 6.79 0.99 -15.99
N ILE B 18 7.14 2.13 -16.59
CA ILE B 18 7.95 2.18 -17.80
C ILE B 18 9.38 2.67 -17.51
N TYR B 19 10.35 1.87 -17.94
CA TYR B 19 11.79 2.17 -17.75
C TYR B 19 12.50 2.18 -19.11
N ARG B 20 13.71 2.75 -19.14
CA ARG B 20 14.53 2.82 -20.35
C ARG B 20 15.93 2.30 -20.09
N ARG B 21 16.40 1.42 -20.96
CA ARG B 21 17.76 0.90 -20.91
C ARG B 21 18.68 1.81 -21.70
N HIS B 22 19.78 2.22 -21.07
CA HIS B 22 20.75 3.07 -21.71
C HIS B 22 21.80 2.25 -22.44
N ARG B 23 22.57 2.94 -23.28
CA ARG B 23 23.65 2.38 -24.08
C ARG B 23 24.46 1.32 -23.34
N GLY B 24 25.01 1.69 -22.18
CA GLY B 24 25.87 0.81 -21.39
C GLY B 24 25.14 -0.24 -20.55
N GLY B 25 23.81 -0.17 -20.50
CA GLY B 25 23.00 -1.21 -19.86
C GLY B 25 22.27 -0.77 -18.60
N SER B 26 22.60 0.42 -18.08
CA SER B 26 21.88 0.93 -16.92
C SER B 26 20.43 1.20 -17.32
N VAL B 27 19.52 0.98 -16.36
CA VAL B 27 18.08 1.13 -16.59
C VAL B 27 17.55 2.21 -15.63
N THR B 28 16.84 3.21 -16.18
CA THR B 28 16.24 4.26 -15.38
C THR B 28 14.73 4.33 -15.57
N TYR B 29 14.04 4.82 -14.54
CA TYR B 29 12.60 4.96 -14.60
C TYR B 29 12.26 6.10 -15.53
N VAL B 30 11.22 5.92 -16.33
CA VAL B 30 10.79 6.94 -17.29
C VAL B 30 9.49 7.57 -16.85
N CYS B 31 8.42 6.78 -16.86
CA CYS B 31 7.06 7.31 -16.73
C CYS B 31 6.08 6.21 -16.38
N GLY B 32 4.91 6.62 -15.91
CA GLY B 32 3.80 5.70 -15.70
C GLY B 32 3.00 5.48 -16.98
N GLY B 33 2.06 4.55 -16.88
CA GLY B 33 1.17 4.16 -17.99
C GLY B 33 0.00 3.37 -17.42
N SER B 34 -0.99 3.09 -18.27
CA SER B 34 -2.15 2.32 -17.87
C SER B 34 -2.48 1.24 -18.90
N LEU B 35 -2.73 0.03 -18.41
CA LEU B 35 -3.11 -1.09 -19.26
C LEU B 35 -4.58 -0.94 -19.70
N ILE B 36 -4.81 -0.80 -21.00
CA ILE B 36 -6.17 -0.62 -21.53
C ILE B 36 -6.70 -1.85 -22.25
N SER B 37 -5.80 -2.73 -22.66
CA SER B 37 -6.15 -4.04 -23.20
C SER B 37 -4.93 -4.93 -22.99
N PRO B 38 -5.09 -6.26 -23.17
CA PRO B 38 -3.95 -7.12 -22.84
C PRO B 38 -2.64 -6.73 -23.54
N CYS B 39 -2.74 -6.20 -24.76
CA CYS B 39 -1.56 -5.85 -25.56
C CYS B 39 -1.18 -4.37 -25.55
N TRP B 40 -1.96 -3.52 -24.88
CA TRP B 40 -1.77 -2.05 -25.04
C TRP B 40 -1.70 -1.27 -23.72
N VAL B 41 -0.63 -0.48 -23.59
CA VAL B 41 -0.45 0.43 -22.48
C VAL B 41 -0.56 1.85 -23.04
N ILE B 42 -1.27 2.71 -22.33
CA ILE B 42 -1.43 4.10 -22.75
C ILE B 42 -0.65 4.99 -21.77
N SER B 43 0.08 5.95 -22.34
CA SER B 43 0.96 6.84 -21.58
C SER B 43 0.96 8.23 -22.27
N ALA B 44 1.97 9.05 -22.00
CA ALA B 44 2.11 10.41 -22.54
C ALA B 44 3.27 10.48 -23.52
N THR B 45 3.04 11.09 -24.69
CA THR B 45 4.10 11.23 -25.71
C THR B 45 5.36 11.92 -25.17
N HIS B 46 5.22 12.91 -24.29
CA HIS B 46 6.40 13.67 -23.85
C HIS B 46 7.42 12.81 -23.09
N CYS B 47 6.94 11.69 -22.51
CA CYS B 47 7.82 10.71 -21.89
C CYS B 47 8.85 10.08 -22.83
N PHE B 48 8.54 10.06 -24.14
CA PHE B 48 9.29 9.29 -25.13
C PHE B 48 9.85 10.11 -26.29
N ILE B 49 9.43 11.36 -26.41
CA ILE B 49 9.68 12.13 -27.63
C ILE B 49 11.17 12.31 -27.94
N ASP B 50 11.98 12.49 -26.91
CA ASP B 50 13.43 12.67 -27.10
C ASP B 50 14.17 11.36 -27.34
N TYR B 51 13.56 10.23 -26.97
CA TYR B 51 14.20 8.92 -27.19
C TYR B 51 13.16 7.91 -27.68
N PRO B 52 12.69 8.08 -28.93
CA PRO B 52 11.57 7.28 -29.42
C PRO B 52 11.90 5.85 -29.89
N LYS B 53 13.10 5.35 -29.57
CA LYS B 53 13.51 4.00 -29.96
C LYS B 53 12.85 2.95 -29.06
N LYS B 54 11.90 2.19 -29.61
CA LYS B 54 11.09 1.25 -28.82
C LYS B 54 11.90 0.16 -28.10
N GLU B 55 13.00 -0.26 -28.71
CA GLU B 55 13.79 -1.39 -28.19
C GLU B 55 14.47 -1.10 -26.85
N ASP B 56 14.61 0.17 -26.50
CA ASP B 56 15.25 0.57 -25.25
C ASP B 56 14.33 0.46 -24.04
N TYR B 57 13.03 0.30 -24.27
CA TYR B 57 12.07 0.39 -23.17
C TYR B 57 11.70 -0.95 -22.55
N ILE B 58 11.41 -0.88 -21.25
CA ILE B 58 10.96 -2.03 -20.46
C ILE B 58 9.69 -1.62 -19.73
N VAL B 59 8.64 -2.42 -19.88
CA VAL B 59 7.37 -2.17 -19.21
C VAL B 59 7.07 -3.30 -18.22
N TYR B 60 6.73 -2.92 -16.98
CA TYR B 60 6.31 -3.86 -15.96
C TYR B 60 4.83 -3.64 -15.66
N LEU B 61 4.12 -4.75 -15.46
CA LEU B 61 2.78 -4.72 -14.91
C LEU B 61 2.85 -5.51 -13.62
N GLY B 62 2.00 -5.17 -12.65
CA GLY B 62 1.97 -5.89 -11.39
C GLY B 62 3.11 -5.52 -10.47
N ARG B 63 3.70 -4.36 -10.71
CA ARG B 63 4.87 -3.90 -9.94
C ARG B 63 4.51 -2.67 -9.12
N SER B 64 4.73 -2.74 -7.80
CA SER B 64 4.50 -1.58 -6.92
C SER B 64 5.77 -1.03 -6.29
N ARG B 65 6.91 -1.61 -6.65
CA ARG B 65 8.20 -1.11 -6.17
C ARG B 65 9.13 -0.73 -7.31
N LEU B 66 9.90 0.33 -7.10
CA LEU B 66 10.71 0.92 -8.16
C LEU B 66 11.95 0.09 -8.50
N ASN B 67 12.58 -0.48 -7.47
CA ASN B 67 13.88 -1.16 -7.61
C ASN B 67 13.92 -2.56 -6.98
N SER B 68 12.77 -3.12 -6.66
CA SER B 68 12.68 -4.52 -6.23
C SER B 68 11.43 -5.15 -6.85
N ASN B 69 11.35 -6.47 -6.81
CA ASN B 69 10.27 -7.19 -7.49
C ASN B 69 9.04 -7.30 -6.61
N THR B 70 7.88 -7.29 -7.25
CA THR B 70 6.62 -7.60 -6.60
C THR B 70 6.23 -8.99 -7.09
N GLN B 71 5.83 -9.86 -6.18
CA GLN B 71 5.37 -11.20 -6.56
C GLN B 71 4.21 -11.02 -7.53
N GLY B 72 4.29 -11.68 -8.68
CA GLY B 72 3.24 -11.65 -9.69
C GLY B 72 3.46 -10.66 -10.82
N GLU B 73 4.52 -9.87 -10.72
CA GLU B 73 4.82 -8.87 -11.74
C GLU B 73 5.20 -9.55 -13.07
N MET B 74 4.95 -8.87 -14.18
CA MET B 74 5.25 -9.39 -15.51
C MET B 74 6.00 -8.32 -16.29
N LYS B 75 7.05 -8.74 -16.98
CA LYS B 75 7.93 -7.83 -17.71
C LYS B 75 7.71 -7.95 -19.22
N PHE B 76 7.77 -6.81 -19.90
CA PHE B 76 7.48 -6.72 -21.34
C PHE B 76 8.45 -5.85 -22.11
N GLU B 77 8.66 -6.23 -23.37
CA GLU B 77 9.32 -5.36 -24.36
C GLU B 77 8.23 -4.55 -25.05
N VAL B 78 8.63 -3.54 -25.81
CA VAL B 78 7.67 -2.71 -26.53
C VAL B 78 7.76 -3.04 -28.02
N GLU B 79 6.70 -3.66 -28.55
CA GLU B 79 6.64 -4.09 -29.95
C GLU B 79 6.37 -2.90 -30.88
N ASN B 80 5.66 -1.90 -30.36
CA ASN B 80 5.34 -0.72 -31.13
C ASN B 80 5.16 0.47 -30.21
N LEU B 81 5.88 1.55 -30.47
CA LEU B 81 5.72 2.79 -29.73
C LEU B 81 5.08 3.84 -30.64
N ILE B 82 3.85 4.22 -30.30
CA ILE B 82 3.05 5.13 -31.10
C ILE B 82 2.91 6.48 -30.39
N LEU B 83 3.52 7.50 -30.98
CA LEU B 83 3.45 8.85 -30.45
C LEU B 83 2.53 9.67 -31.32
N HIS B 84 1.79 10.60 -30.70
CA HIS B 84 0.82 11.40 -31.42
C HIS B 84 1.52 12.33 -32.40
N LYS B 85 1.16 12.23 -33.68
CA LYS B 85 1.84 13.00 -34.73
C LYS B 85 1.74 14.51 -34.52
N ASP B 86 0.68 14.96 -33.87
CA ASP B 86 0.46 16.38 -33.61
C ASP B 86 0.85 16.80 -32.20
N TYR B 87 1.69 16.02 -31.53
CA TYR B 87 2.24 16.44 -30.25
C TYR B 87 2.99 17.76 -30.42
N SER B 88 2.78 18.67 -29.47
CA SER B 88 3.55 19.91 -29.43
C SER B 88 3.69 20.41 -28.00
N ALA B 89 4.65 21.30 -27.80
CA ALA B 89 4.86 21.89 -26.50
C ALA B 89 5.51 23.27 -26.59
N ASP B 90 5.21 24.13 -25.62
CA ASP B 90 6.02 25.33 -25.40
C ASP B 90 6.90 25.09 -24.17
N THR B 91 7.24 26.14 -23.43
CA THR B 91 8.07 25.96 -22.24
C THR B 91 7.28 25.40 -21.06
N LEU B 92 5.97 25.19 -21.24
CA LEU B 92 5.07 24.81 -20.13
C LEU B 92 4.06 23.72 -20.50
N ALA B 93 3.22 24.01 -21.49
CA ALA B 93 2.10 23.12 -21.84
C ALA B 93 2.50 22.07 -22.88
N HIS B 94 1.91 20.88 -22.73
CA HIS B 94 2.04 19.80 -23.70
C HIS B 94 0.69 19.61 -24.36
N HIS B 95 0.69 19.59 -25.70
CA HIS B 95 -0.51 19.37 -26.50
C HIS B 95 -0.49 17.97 -27.11
N ASN B 96 -1.66 17.34 -27.17
CA ASN B 96 -1.81 15.98 -27.70
C ASN B 96 -0.82 15.01 -27.05
N ASP B 97 -0.73 15.10 -25.72
CA ASP B 97 0.24 14.36 -24.95
C ASP B 97 -0.29 12.97 -24.62
N ILE B 98 -0.27 12.12 -25.63
CA ILE B 98 -0.81 10.79 -25.50
C ILE B 98 0.05 9.86 -26.36
N ALA B 99 0.26 8.65 -25.87
CA ALA B 99 1.08 7.65 -26.57
C ALA B 99 0.59 6.25 -26.31
N LEU B 100 0.89 5.33 -27.22
CA LEU B 100 0.52 3.93 -27.05
C LEU B 100 1.74 3.03 -27.14
N LEU B 101 1.80 2.06 -26.23
CA LEU B 101 2.86 1.06 -26.20
C LEU B 101 2.24 -0.32 -26.37
N LYS B 102 2.56 -0.97 -27.49
CA LYS B 102 2.18 -2.36 -27.70
C LYS B 102 3.19 -3.24 -27.01
N ILE B 103 2.75 -3.97 -25.99
CA ILE B 103 3.65 -4.77 -25.15
C ILE B 103 3.66 -6.25 -25.53
N ARG B 104 4.82 -6.86 -25.37
CA ARG B 104 5.03 -8.26 -25.72
C ARG B 104 6.11 -8.85 -24.84
N SER B 105 5.83 -10.00 -24.24
CA SER B 105 6.77 -10.67 -23.36
C SER B 105 7.89 -11.30 -24.17
N LYS B 106 8.94 -11.73 -23.45
CA LYS B 106 10.05 -12.46 -24.05
C LYS B 106 9.55 -13.70 -24.82
N GLU B 107 8.46 -14.28 -24.33
CA GLU B 107 7.84 -15.45 -24.97
C GLU B 107 6.83 -15.11 -26.07
N GLY B 108 6.70 -13.81 -26.39
CA GLY B 108 5.83 -13.36 -27.47
C GLY B 108 4.36 -13.14 -27.10
N ARG B 109 4.07 -13.02 -25.81
CA ARG B 109 2.70 -12.92 -25.31
C ARG B 109 2.35 -11.51 -24.87
N CYS B 110 1.05 -11.21 -24.85
CA CYS B 110 0.52 -10.01 -24.23
C CYS B 110 0.30 -10.27 -22.74
N ALA B 111 -0.32 -9.32 -22.04
CA ALA B 111 -0.61 -9.47 -20.61
C ALA B 111 -1.63 -10.56 -20.32
N GLN B 112 -1.45 -11.23 -19.18
CA GLN B 112 -2.40 -12.21 -18.66
C GLN B 112 -3.00 -11.60 -17.39
N PRO B 113 -4.33 -11.40 -17.35
CA PRO B 113 -4.94 -10.86 -16.13
C PRO B 113 -4.76 -11.73 -14.88
N SER B 114 -4.68 -11.06 -13.73
CA SER B 114 -4.49 -11.70 -12.41
C SER B 114 -5.05 -10.76 -11.33
N ARG B 115 -4.76 -11.01 -10.05
CA ARG B 115 -5.19 -10.11 -8.97
C ARG B 115 -4.47 -8.77 -9.03
N THR B 116 -3.27 -8.78 -9.60
CA THR B 116 -2.39 -7.61 -9.63
C THR B 116 -2.24 -7.02 -11.04
N ILE B 117 -2.91 -7.64 -12.02
CA ILE B 117 -2.88 -7.13 -13.38
C ILE B 117 -4.28 -7.18 -13.96
N GLN B 118 -4.84 -6.00 -14.21
CA GLN B 118 -6.16 -5.84 -14.81
C GLN B 118 -6.16 -4.62 -15.71
N THR B 119 -7.03 -4.63 -16.71
CA THR B 119 -7.20 -3.49 -17.59
C THR B 119 -8.10 -2.44 -16.94
N ILE B 120 -7.96 -1.19 -17.36
CA ILE B 120 -8.84 -0.11 -16.93
C ILE B 120 -9.72 0.32 -18.10
N ALA B 121 -11.00 0.57 -17.81
CA ALA B 121 -11.95 0.97 -18.84
C ALA B 121 -11.64 2.37 -19.37
N LEU B 122 -11.82 2.54 -20.67
CA LEU B 122 -11.80 3.86 -21.26
C LEU B 122 -13.16 4.53 -21.04
N PRO B 123 -13.16 5.87 -20.96
CA PRO B 123 -14.41 6.60 -20.85
C PRO B 123 -15.16 6.58 -22.18
N SER B 124 -16.46 6.84 -22.16
CA SER B 124 -17.23 7.04 -23.38
C SER B 124 -17.07 8.49 -23.80
N MET B 125 -17.28 8.76 -25.07
CA MET B 125 -16.92 10.05 -25.68
C MET B 125 -17.45 11.28 -24.96
N TYR B 126 -18.72 11.24 -24.56
CA TYR B 126 -19.40 12.43 -24.06
C TYR B 126 -19.28 12.56 -22.53
N ASN B 127 -18.60 11.60 -21.90
CA ASN B 127 -18.81 11.33 -20.48
C ASN B 127 -17.57 11.55 -19.61
N ASP B 128 -17.39 12.78 -19.14
CA ASP B 128 -16.41 13.10 -18.10
C ASP B 128 -17.16 13.47 -16.84
N PRO B 129 -16.49 13.41 -15.66
CA PRO B 129 -17.23 13.76 -14.47
C PRO B 129 -17.37 15.26 -14.32
N GLN B 130 -18.37 15.71 -13.57
CA GLN B 130 -18.56 17.14 -13.37
C GLN B 130 -17.42 17.68 -12.52
N PHE B 131 -17.17 18.98 -12.63
CA PHE B 131 -16.12 19.61 -11.86
C PHE B 131 -16.39 19.46 -10.37
N GLY B 132 -15.31 19.36 -9.60
CA GLY B 132 -15.40 19.14 -8.16
C GLY B 132 -15.36 17.67 -7.77
N THR B 133 -15.43 16.78 -8.75
CA THR B 133 -15.38 15.35 -8.51
C THR B 133 -13.97 14.93 -8.08
N SER B 134 -13.92 14.04 -7.09
CA SER B 134 -12.65 13.52 -6.57
C SER B 134 -12.21 12.31 -7.38
N CYS B 135 -11.00 12.38 -7.93
CA CYS B 135 -10.42 11.28 -8.71
C CYS B 135 -9.06 10.91 -8.14
N GLU B 136 -8.58 9.71 -8.47
CA GLU B 136 -7.28 9.21 -7.98
C GLU B 136 -6.18 9.43 -9.02
N ILE B 137 -4.98 9.74 -8.54
CA ILE B 137 -3.79 9.73 -9.37
C ILE B 137 -2.73 8.87 -8.70
N THR B 138 -1.93 8.18 -9.51
CA THR B 138 -1.00 7.17 -9.02
C THR B 138 0.33 7.27 -9.76
N GLY B 139 1.44 7.06 -9.06
CA GLY B 139 2.73 7.02 -9.74
C GLY B 139 3.93 6.88 -8.83
N PHE B 140 5.09 6.73 -9.47
CA PHE B 140 6.40 6.70 -8.80
C PHE B 140 7.09 8.06 -8.81
N GLY B 141 6.37 9.13 -9.13
CA GLY B 141 6.98 10.45 -9.24
C GLY B 141 7.50 10.99 -7.92
N LYS B 142 8.23 12.10 -8.02
CA LYS B 142 8.82 12.71 -6.84
C LYS B 142 7.80 13.04 -5.72
N GLU B 143 8.23 12.92 -4.47
CA GLU B 143 7.40 13.27 -3.31
C GLU B 143 7.53 14.75 -2.92
N GLN B 144 8.60 15.37 -3.39
CA GLN B 144 8.81 16.81 -3.32
C GLN B 144 9.51 17.21 -4.60
N SER B 145 9.22 18.41 -5.10
CA SER B 145 9.93 18.97 -6.26
C SER B 145 11.45 19.02 -6.05
N THR B 146 11.85 19.18 -4.80
CA THR B 146 13.26 19.29 -4.41
C THR B 146 13.96 17.94 -4.21
N ASP B 147 13.20 16.83 -4.32
CA ASP B 147 13.78 15.49 -4.18
C ASP B 147 14.48 15.09 -5.47
N TYR B 148 15.72 14.63 -5.33
CA TYR B 148 16.49 14.17 -6.47
C TYR B 148 16.03 12.78 -6.88
N LEU B 149 15.68 11.96 -5.89
CA LEU B 149 15.29 10.56 -6.13
C LEU B 149 13.78 10.36 -6.14
N TYR B 150 13.34 9.34 -6.87
CA TYR B 150 11.97 8.87 -6.78
C TYR B 150 11.77 8.01 -5.53
N PRO B 151 10.53 7.91 -5.03
CA PRO B 151 10.24 7.01 -3.92
C PRO B 151 10.41 5.56 -4.34
N GLU B 152 10.68 4.70 -3.36
CA GLU B 152 10.88 3.28 -3.62
C GLU B 152 9.57 2.52 -3.82
N GLN B 153 8.45 3.11 -3.41
CA GLN B 153 7.14 2.47 -3.62
C GLN B 153 6.13 3.41 -4.28
N LEU B 154 5.26 2.79 -5.06
CA LEU B 154 4.15 3.45 -5.75
C LEU B 154 3.30 4.24 -4.77
N LYS B 155 2.84 5.41 -5.20
CA LYS B 155 1.95 6.24 -4.38
C LYS B 155 0.64 6.57 -5.09
N MET B 156 -0.36 6.93 -4.30
CA MET B 156 -1.60 7.42 -4.85
C MET B 156 -2.12 8.59 -4.00
N THR B 157 -2.82 9.50 -4.65
CA THR B 157 -3.54 10.54 -3.92
C THR B 157 -4.85 10.85 -4.64
N VAL B 158 -5.60 11.79 -4.04
CA VAL B 158 -6.89 12.21 -4.55
C VAL B 158 -6.84 13.70 -4.88
N VAL B 159 -7.39 14.06 -6.04
CA VAL B 159 -7.47 15.45 -6.48
C VAL B 159 -8.85 15.70 -7.07
N LYS B 160 -9.27 16.96 -7.07
CA LYS B 160 -10.60 17.32 -7.56
C LYS B 160 -10.52 17.97 -8.92
N LEU B 161 -11.42 17.57 -9.82
CA LEU B 161 -11.47 18.15 -11.16
C LEU B 161 -11.87 19.62 -11.11
N ILE B 162 -11.26 20.41 -11.99
CA ILE B 162 -11.48 21.84 -12.09
C ILE B 162 -12.05 22.13 -13.48
N SER B 163 -13.08 22.97 -13.56
CA SER B 163 -13.71 23.28 -14.85
C SER B 163 -12.73 23.95 -15.81
N HIS B 164 -12.92 23.71 -17.10
CA HIS B 164 -12.10 24.38 -18.12
C HIS B 164 -12.21 25.89 -17.98
N ARG B 165 -13.41 26.38 -17.68
CA ARG B 165 -13.63 27.81 -17.50
C ARG B 165 -12.76 28.39 -16.38
N GLU B 166 -12.67 27.70 -15.24
CA GLU B 166 -11.83 28.16 -14.14
C GLU B 166 -10.36 28.05 -14.50
N CYS B 167 -9.97 26.93 -15.10
CA CYS B 167 -8.55 26.68 -15.40
C CYS B 167 -7.98 27.67 -16.42
N GLN B 168 -8.83 28.18 -17.32
CA GLN B 168 -8.36 29.10 -18.36
C GLN B 168 -8.44 30.58 -17.96
N GLN B 169 -8.76 30.86 -16.71
CA GLN B 169 -8.63 32.22 -16.19
C GLN B 169 -7.14 32.62 -16.14
N PRO B 170 -6.84 33.91 -16.35
CA PRO B 170 -5.45 34.38 -16.35
C PRO B 170 -4.62 33.93 -15.14
N HIS B 171 -5.24 33.86 -13.97
CA HIS B 171 -4.50 33.50 -12.76
C HIS B 171 -4.31 32.00 -12.56
N TYR B 172 -4.94 31.18 -13.40
CA TYR B 172 -4.64 29.76 -13.44
C TYR B 172 -3.68 29.50 -14.63
N TYR B 173 -4.21 29.03 -15.76
CA TYR B 173 -3.38 28.71 -16.92
C TYR B 173 -3.72 29.46 -18.21
N GLY B 174 -4.73 30.33 -18.18
CA GLY B 174 -5.07 31.13 -19.35
C GLY B 174 -5.32 30.30 -20.59
N SER B 175 -4.66 30.69 -21.68
CA SER B 175 -4.78 30.05 -22.98
C SER B 175 -3.94 28.77 -23.14
N GLU B 176 -3.14 28.42 -22.13
CA GLU B 176 -2.30 27.22 -22.18
C GLU B 176 -3.09 25.93 -22.06
N VAL B 177 -4.27 26.01 -21.45
CA VAL B 177 -5.17 24.85 -21.35
C VAL B 177 -6.25 24.87 -22.43
N THR B 178 -6.47 23.72 -23.05
CA THR B 178 -7.46 23.58 -24.10
C THR B 178 -8.51 22.59 -23.63
N THR B 179 -9.58 22.47 -24.41
CA THR B 179 -10.66 21.53 -24.11
C THR B 179 -10.23 20.07 -24.28
N LYS B 180 -9.04 19.85 -24.81
CA LYS B 180 -8.45 18.50 -24.86
C LYS B 180 -7.67 18.16 -23.59
N MET B 181 -7.68 19.07 -22.61
CA MET B 181 -7.03 18.85 -21.33
C MET B 181 -8.03 18.96 -20.18
N LEU B 182 -7.66 18.38 -19.05
CA LEU B 182 -8.39 18.47 -17.80
C LEU B 182 -7.44 18.93 -16.72
N CYS B 183 -7.89 19.89 -15.91
CA CYS B 183 -7.16 20.30 -14.73
C CYS B 183 -7.74 19.61 -13.51
N ALA B 184 -6.86 19.28 -12.57
CA ALA B 184 -7.27 18.73 -11.29
C ALA B 184 -6.27 19.15 -10.25
N ALA B 185 -6.75 19.38 -9.04
CA ALA B 185 -5.91 19.82 -7.95
C ALA B 185 -6.56 19.57 -6.61
N ASP B 186 -5.75 19.72 -5.57
CA ASP B 186 -6.19 19.74 -4.19
C ASP B 186 -6.74 21.16 -3.94
N PRO B 187 -7.93 21.28 -3.33
CA PRO B 187 -8.42 22.63 -3.02
C PRO B 187 -7.48 23.45 -2.12
N GLN B 188 -6.68 22.76 -1.31
CA GLN B 188 -5.69 23.43 -0.46
C GLN B 188 -4.28 23.38 -1.07
N TRP B 189 -4.15 22.81 -2.26
CA TRP B 189 -2.92 22.84 -3.04
C TRP B 189 -1.75 22.14 -2.32
N LYS B 190 -2.04 21.07 -1.58
CA LYS B 190 -1.01 20.37 -0.81
C LYS B 190 -0.66 18.97 -1.34
N THR B 191 -1.47 18.44 -2.24
CA THR B 191 -1.20 17.13 -2.84
C THR B 191 -1.43 17.25 -4.36
N ASP B 192 -0.69 16.47 -5.14
CA ASP B 192 -0.63 16.68 -6.58
C ASP B 192 0.26 15.65 -7.25
N SER B 193 0.18 15.57 -8.58
CA SER B 193 1.20 14.90 -9.37
C SER B 193 2.51 15.71 -9.29
N CYS B 194 3.60 15.05 -9.65
CA CYS B 194 4.88 15.71 -9.83
C CYS B 194 5.70 15.01 -10.90
N GLN B 195 6.91 15.53 -11.13
CA GLN B 195 7.90 14.96 -12.03
C GLN B 195 8.05 13.48 -11.74
N GLY B 196 7.92 12.69 -12.80
CA GLY B 196 7.97 11.24 -12.70
C GLY B 196 6.61 10.57 -12.77
N ASP B 197 5.54 11.33 -12.51
CA ASP B 197 4.15 10.81 -12.55
C ASP B 197 3.52 10.89 -13.93
N SER B 198 4.17 11.57 -14.87
CA SER B 198 3.68 11.67 -16.25
C SER B 198 3.37 10.31 -16.86
N GLY B 199 2.30 10.29 -17.67
CA GLY B 199 1.89 9.08 -18.37
C GLY B 199 0.93 8.23 -17.56
N GLY B 200 0.93 8.44 -16.25
CA GLY B 200 0.09 7.66 -15.34
C GLY B 200 -1.37 8.09 -15.32
N PRO B 201 -2.20 7.29 -14.63
CA PRO B 201 -3.65 7.42 -14.71
C PRO B 201 -4.27 8.42 -13.74
N LEU B 202 -5.18 9.24 -14.26
CA LEU B 202 -6.18 9.95 -13.45
C LEU B 202 -7.45 9.12 -13.55
N VAL B 203 -7.86 8.51 -12.44
CA VAL B 203 -8.96 7.55 -12.40
C VAL B 203 -10.15 8.16 -11.67
N CYS B 204 -11.30 8.17 -12.33
CA CYS B 204 -12.56 8.59 -11.72
C CYS B 204 -13.56 7.43 -11.79
N SER B 205 -14.49 7.43 -10.85
CA SER B 205 -15.56 6.44 -10.82
C SER B 205 -16.77 6.97 -11.57
N LEU B 206 -17.10 6.32 -12.68
CA LEU B 206 -18.23 6.71 -13.51
C LEU B 206 -19.06 5.47 -13.77
N GLN B 207 -20.37 5.58 -13.53
CA GLN B 207 -21.28 4.43 -13.67
C GLN B 207 -20.79 3.22 -12.86
N GLY B 208 -20.26 3.50 -11.66
CA GLY B 208 -19.75 2.45 -10.77
C GLY B 208 -18.45 1.79 -11.21
N ARG B 209 -17.78 2.37 -12.21
CA ARG B 209 -16.68 1.74 -12.91
C ARG B 209 -15.44 2.62 -12.84
N MET B 210 -14.31 2.03 -12.46
CA MET B 210 -13.04 2.74 -12.51
C MET B 210 -12.71 3.04 -13.97
N THR B 211 -12.49 4.32 -14.25
CA THR B 211 -12.42 4.83 -15.60
C THR B 211 -11.20 5.75 -15.77
N LEU B 212 -10.47 5.56 -16.86
CA LEU B 212 -9.28 6.35 -17.15
C LEU B 212 -9.71 7.67 -17.78
N THR B 213 -9.93 8.65 -16.92
CA THR B 213 -10.42 9.95 -17.36
C THR B 213 -9.28 10.84 -17.86
N GLY B 214 -8.11 10.69 -17.27
CA GLY B 214 -6.96 11.54 -17.64
C GLY B 214 -5.64 10.79 -17.67
N ILE B 215 -4.67 11.41 -18.35
CA ILE B 215 -3.28 10.97 -18.33
C ILE B 215 -2.42 12.13 -17.83
N VAL B 216 -1.59 11.84 -16.85
CA VAL B 216 -0.75 12.89 -16.25
C VAL B 216 0.11 13.50 -17.37
N SER B 217 0.01 14.82 -17.58
CA SER B 217 0.67 15.48 -18.73
C SER B 217 1.64 16.61 -18.34
N TRP B 218 1.17 17.61 -17.62
CA TRP B 218 2.02 18.76 -17.28
C TRP B 218 1.44 19.62 -16.16
N GLY B 219 2.31 20.45 -15.58
CA GLY B 219 1.91 21.49 -14.65
C GLY B 219 3.04 22.50 -14.54
N ARG B 220 2.77 23.65 -13.91
CA ARG B 220 3.81 24.66 -13.62
C ARG B 220 4.71 24.20 -12.49
N GLY B 221 4.14 23.45 -11.57
CA GLY B 221 4.88 22.90 -10.44
C GLY B 221 4.22 21.65 -9.90
N CYS B 222 4.45 21.39 -8.62
CA CYS B 222 3.84 20.27 -7.90
C CYS B 222 3.23 20.82 -6.61
N ALA B 223 1.92 20.72 -6.49
CA ALA B 223 1.17 21.25 -5.35
C ALA B 223 1.49 22.74 -5.17
N LEU B 224 1.03 23.51 -6.14
CA LEU B 224 1.38 24.91 -6.28
C LEU B 224 0.11 25.71 -6.45
N LYS B 225 -0.05 26.72 -5.60
CA LYS B 225 -1.26 27.53 -5.54
C LYS B 225 -1.65 28.10 -6.91
N ASP B 226 -2.92 27.92 -7.25
CA ASP B 226 -3.52 28.38 -8.51
C ASP B 226 -2.83 27.82 -9.75
N LYS B 227 -2.19 26.67 -9.63
CA LYS B 227 -1.55 26.01 -10.76
C LYS B 227 -1.81 24.51 -10.67
N PRO B 228 -2.99 24.08 -11.17
CA PRO B 228 -3.41 22.67 -11.14
C PRO B 228 -2.49 21.75 -11.91
N GLY B 229 -2.60 20.46 -11.61
CA GLY B 229 -2.07 19.44 -12.50
C GLY B 229 -2.90 19.43 -13.76
N VAL B 230 -2.24 19.18 -14.89
CA VAL B 230 -2.96 19.09 -16.16
C VAL B 230 -2.81 17.69 -16.78
N TYR B 231 -3.95 17.20 -17.25
CA TYR B 231 -4.12 15.84 -17.72
C TYR B 231 -4.67 15.85 -19.14
N THR B 232 -4.19 14.93 -19.95
CA THR B 232 -4.75 14.71 -21.28
C THR B 232 -6.15 14.16 -21.09
N ARG B 233 -7.12 14.75 -21.79
CA ARG B 233 -8.52 14.39 -21.63
C ARG B 233 -8.82 13.20 -22.55
N VAL B 234 -8.79 12.00 -21.96
CA VAL B 234 -8.85 10.74 -22.71
C VAL B 234 -10.11 10.62 -23.57
N SER B 235 -11.23 11.12 -23.06
CA SER B 235 -12.51 11.09 -23.79
C SER B 235 -12.45 11.84 -25.12
N HIS B 236 -11.49 12.75 -25.29
CA HIS B 236 -11.35 13.50 -26.52
C HIS B 236 -10.37 12.87 -27.53
N PHE B 237 -9.83 11.70 -27.18
CA PHE B 237 -8.86 10.99 -28.05
C PHE B 237 -9.30 9.56 -28.40
N LEU B 238 -10.56 9.23 -28.18
CA LEU B 238 -11.02 7.86 -28.42
C LEU B 238 -10.81 7.40 -29.87
N PRO B 239 -11.11 8.26 -30.88
CA PRO B 239 -10.87 7.85 -32.27
C PRO B 239 -9.40 7.54 -32.58
N TRP B 240 -8.50 8.38 -32.10
CA TRP B 240 -7.05 8.18 -32.24
C TRP B 240 -6.61 6.85 -31.62
N ILE B 241 -7.12 6.56 -30.42
CA ILE B 241 -6.82 5.30 -29.73
C ILE B 241 -7.37 4.12 -30.54
N ARG B 242 -8.60 4.22 -31.01
CA ARG B 242 -9.19 3.14 -31.80
C ARG B 242 -8.44 2.87 -33.11
N SER B 243 -8.11 3.94 -33.82
CA SER B 243 -7.41 3.83 -35.10
C SER B 243 -6.02 3.19 -34.96
N HIS B 244 -5.36 3.47 -33.84
CA HIS B 244 -3.98 3.02 -33.65
C HIS B 244 -3.84 1.68 -32.94
N THR B 245 -4.93 1.16 -32.37
CA THR B 245 -4.89 -0.12 -31.67
C THR B 245 -5.53 -1.22 -32.50
N GLY C 1 6.24 2.16 31.51
CA GLY C 1 7.69 2.00 31.17
C GLY C 1 7.89 1.00 30.05
N CYS C 2 9.03 0.30 30.06
CA CYS C 2 9.34 -0.68 29.03
C CYS C 2 9.73 -2.02 29.62
N GLN C 3 8.93 -2.50 30.57
CA GLN C 3 9.10 -3.85 31.12
C GLN C 3 8.31 -4.86 30.29
N VAL C 4 7.24 -4.40 29.65
CA VAL C 4 6.48 -5.25 28.73
C VAL C 4 6.63 -4.71 27.30
N ASN C 5 7.21 -5.55 26.44
CA ASN C 5 7.44 -5.22 25.03
C ASN C 5 7.31 -6.45 24.16
N TYR C 6 7.27 -6.23 22.84
CA TYR C 6 7.53 -7.30 21.89
C TYR C 6 8.94 -7.84 22.11
N CYS C 7 9.90 -6.93 22.19
CA CYS C 7 11.31 -7.30 22.32
C CYS C 7 12.02 -6.26 23.17
N PRO C 8 13.06 -6.67 23.93
CA PRO C 8 13.80 -5.72 24.78
C PRO C 8 14.17 -4.40 24.11
N PRO C 9 13.93 -3.27 24.79
CA PRO C 9 14.19 -1.97 24.18
C PRO C 9 15.61 -1.77 23.64
N VAL C 10 15.68 -1.05 22.54
CA VAL C 10 16.92 -0.66 21.88
C VAL C 10 17.05 0.88 21.92
N PRO C 11 18.23 1.41 22.30
CA PRO C 11 18.34 2.86 22.29
C PRO C 11 18.04 3.50 20.93
N CYS C 12 17.31 4.62 20.97
CA CYS C 12 16.84 5.27 19.75
C CYS C 12 17.92 6.09 19.03
N LEU C 13 17.79 6.13 17.71
CA LEU C 13 18.60 7.00 16.84
C LEU C 13 17.71 7.88 15.98
N NH2 C 14 16.64 7.29 15.44
N GLY D 1 19.19 23.01 -18.38
CA GLY D 1 18.53 21.86 -17.68
C GLY D 1 17.55 21.11 -18.55
N CYS D 2 16.99 20.02 -18.01
CA CYS D 2 15.98 19.22 -18.72
C CYS D 2 14.96 20.16 -19.30
N GLN D 3 14.72 20.05 -20.59
CA GLN D 3 13.73 20.90 -21.24
C GLN D 3 12.40 20.19 -21.45
N VAL D 4 12.40 18.86 -21.36
CA VAL D 4 11.16 18.08 -21.39
C VAL D 4 10.91 17.49 -19.99
N ASN D 5 9.78 17.87 -19.39
CA ASN D 5 9.47 17.49 -18.01
C ASN D 5 7.96 17.47 -17.81
N TYR D 6 7.53 16.97 -16.66
CA TYR D 6 6.16 17.21 -16.21
C TYR D 6 6.01 18.71 -15.93
N CYS D 7 6.99 19.24 -15.21
CA CYS D 7 7.00 20.64 -14.77
C CYS D 7 8.44 21.16 -14.71
N PRO D 8 8.63 22.47 -14.92
CA PRO D 8 9.97 23.07 -14.92
C PRO D 8 10.81 22.67 -13.73
N PRO D 9 12.10 22.34 -13.96
CA PRO D 9 12.96 21.85 -12.89
C PRO D 9 13.07 22.78 -11.69
N VAL D 10 13.18 22.17 -10.53
CA VAL D 10 13.32 22.85 -9.26
C VAL D 10 14.63 22.40 -8.63
N PRO D 11 15.46 23.34 -8.16
CA PRO D 11 16.72 22.94 -7.54
C PRO D 11 16.55 21.99 -6.34
N CYS D 12 17.45 21.01 -6.25
CA CYS D 12 17.30 19.89 -5.32
C CYS D 12 17.80 20.23 -3.91
N LEU D 13 17.20 19.58 -2.92
CA LEU D 13 17.64 19.65 -1.52
C LEU D 13 17.79 18.24 -0.96
N NH2 D 14 16.85 17.37 -1.31
S SO4 E . -1.69 8.74 31.79
O1 SO4 E . -0.76 8.02 30.90
O2 SO4 E . -1.26 10.16 31.90
O3 SO4 E . -1.68 8.08 33.12
O4 SO4 E . -3.05 8.64 31.24
S SO4 F . 1.87 7.09 19.30
O1 SO4 F . 2.42 8.19 20.13
O2 SO4 F . 2.31 7.18 17.90
O3 SO4 F . 0.40 7.17 19.32
O4 SO4 F . 2.28 5.76 19.83
C ACT G . 4.19 -4.16 21.46
O ACT G . 4.67 -4.58 20.38
OXT ACT G . 4.02 -4.90 22.44
CH3 ACT G . 3.78 -2.73 21.58
C ACT H . -20.19 -18.78 22.31
O ACT H . -19.22 -18.81 21.51
OXT ACT H . -21.36 -18.52 21.94
CH3 ACT H . -19.93 -19.06 23.76
C1 GOL I . 3.30 -21.08 25.90
O1 GOL I . 1.90 -20.79 25.86
C2 GOL I . 3.62 -22.13 26.98
O2 GOL I . 3.00 -21.76 28.21
C3 GOL I . 3.12 -23.53 26.63
O3 GOL I . 3.61 -24.47 27.60
C1 GOL J . 6.60 -27.63 13.52
O1 GOL J . 6.93 -28.25 12.26
C2 GOL J . 7.00 -28.45 14.76
O2 GOL J . 5.81 -28.74 15.51
C3 GOL J . 7.76 -29.75 14.50
O3 GOL J . 9.12 -29.72 14.97
S SO4 K . 23.01 7.02 -22.79
O1 SO4 K . 23.32 7.82 -23.98
O2 SO4 K . 22.52 5.68 -23.19
O3 SO4 K . 21.94 7.73 -22.05
O4 SO4 K . 24.23 6.95 -21.94
S SO4 L . 16.23 6.17 -11.42
O1 SO4 L . 15.40 6.29 -12.63
O2 SO4 L . 17.63 6.51 -11.74
O3 SO4 L . 16.17 4.77 -10.93
O4 SO4 L . 15.74 7.11 -10.40
C ACT M . 8.06 13.09 -16.33
O ACT M . 7.92 13.60 -17.47
OXT ACT M . 7.24 13.28 -15.40
CH3 ACT M . 9.26 12.23 -16.09
C ACT N . 14.55 -2.60 -13.25
O ACT N . 14.15 -2.81 -14.41
OXT ACT N . 13.92 -2.98 -12.23
CH3 ACT N . 15.84 -1.88 -13.03
C1 GOL O . -5.92 21.47 -28.58
O1 GOL O . -5.80 22.54 -29.53
C2 GOL O . -4.64 20.63 -28.55
O2 GOL O . -3.58 21.41 -29.14
C3 GOL O . -4.27 20.20 -27.11
O3 GOL O . -4.21 18.78 -26.92
C ACT P . 15.38 6.12 -7.49
O ACT P . 15.25 7.26 -8.03
OXT ACT P . 15.83 5.12 -8.10
CH3 ACT P . 15.03 5.93 -6.04
C1 29O Q . 10.76 -0.19 22.82
C2 29O Q . 11.43 0.87 22.22
C3 29O Q . 12.34 0.60 21.20
C4 29O Q . 12.63 -0.71 20.81
C5 29O Q . 11.95 -1.75 21.40
C6 29O Q . 11.04 -1.50 22.43
N1 29O Q . 9.82 -0.04 23.89
N2 29O Q . 12.26 -3.11 21.10
C7 29O Q . 13.00 -3.58 19.98
C8 29O Q . 9.33 1.16 24.49
C9 29O Q . 8.36 0.97 25.62
O1 29O Q . 9.65 2.29 24.14
O2 29O Q . 13.35 -2.85 19.06
C10 29O Q . 13.28 -5.04 19.94
N3 29O Q . 13.11 1.61 20.54
C11 29O Q . 12.91 3.03 20.62
O3 29O Q . 11.97 3.56 21.21
C12 29O Q . 13.90 3.90 19.92
C1 29O R . 13.26 17.76 -12.75
C2 29O R . 13.98 17.70 -11.55
C3 29O R . 13.37 18.23 -10.40
C4 29O R . 12.11 18.82 -10.45
C5 29O R . 11.40 18.84 -11.65
C6 29O R . 12.00 18.35 -12.80
N1 29O R . 13.77 17.27 -14.02
N2 29O R . 10.14 19.51 -11.78
C7 29O R . 9.28 19.94 -10.72
C8 29O R . 14.84 16.36 -14.27
C9 29O R . 15.15 16.06 -15.70
O1 29O R . 15.50 15.82 -13.39
O2 29O R . 9.49 19.67 -9.55
C10 29O R . 8.07 20.70 -11.11
N3 29O R . 14.01 18.27 -9.12
C11 29O R . 15.19 17.57 -8.74
O3 29O R . 15.72 16.77 -9.50
C12 29O R . 15.76 17.82 -7.38
#